data_2HBH
#
_entry.id   2HBH
#
_cell.length_a   65.682
_cell.length_b   65.682
_cell.length_c   265.096
_cell.angle_alpha   90.00
_cell.angle_beta   90.00
_cell.angle_gamma   120.00
#
_symmetry.space_group_name_H-M   'P 65 2 2'
#
loop_
_entity.id
_entity.type
_entity.pdbx_description
1 polymer 'Vitamin D receptor'
2 polymer 'SRC-1 from Nuclear receptor coactivator 1'
3 non-polymer '1,3-CYCLOHEXANEDIOL, 4-METHYLENE-5-[(2E)-[(1S,3AS,7AS)-OCTAHYDRO-1-(5-HYDROXY-5-METHYL-1,3-HEXADIYNYL)-7A-METHYL-4H-INDEN-4-YLIDENE]ETHYLIDENE]-, (1R,3S,5Z)'
4 water water
#
loop_
_entity_poly.entity_id
_entity_poly.type
_entity_poly.pdbx_seq_one_letter_code
_entity_poly.pdbx_strand_id
1 'polypeptide(L)'
;GSHMLSDEQMQIINSLVEAHHKTYDDSYSDFVRFRPPVREGPVTRSASRAASLHSLSDASSDSFNHSPESVDTKLNFSNL
LMMYQDSGSPDSSEEDQQSRLSMLPHLADLVSYSIQKVIGFAKMIPGFRDLTAEDQIALLKSSAIEIIMLRSNQSFSLED
MSWSCGGPDFKYCINDVTKAGHTLELLEPLVKFQVGLKKLKLHEEEHVLLMAICLLSPDRPGVQDHVRIEALQDRLCDVL
QAYIRIQHPGGRLLYAKMIQKLADLRSLNEEHSKQYRSLSFQPEHSMQLTPLVLEVFGSEVS
;
A
2 'polypeptide(L)' RHKILHRLLQEGSPS B
#
# COMPACT_ATOMS: atom_id res chain seq x y z
N HIS A 3 18.63 26.94 -4.70
CA HIS A 3 17.27 26.35 -4.80
C HIS A 3 17.03 25.38 -3.64
N MET A 4 16.00 25.65 -2.84
CA MET A 4 15.68 24.82 -1.67
C MET A 4 14.18 24.73 -1.39
N LEU A 5 13.79 23.77 -0.54
CA LEU A 5 12.38 23.56 -0.20
C LEU A 5 11.75 24.72 0.56
N SER A 6 10.42 24.81 0.48
CA SER A 6 9.66 25.87 1.13
C SER A 6 9.01 25.33 2.39
N ASP A 7 8.54 26.23 3.25
CA ASP A 7 7.90 25.81 4.49
C ASP A 7 6.78 24.82 4.24
N GLU A 8 5.82 25.22 3.41
CA GLU A 8 4.68 24.37 3.10
C GLU A 8 5.13 22.97 2.68
N GLN A 9 6.03 22.91 1.70
CA GLN A 9 6.54 21.62 1.20
C GLN A 9 7.14 20.78 2.31
N MET A 10 8.12 21.34 2.98
CA MET A 10 8.81 20.67 4.07
C MET A 10 7.84 20.24 5.16
N GLN A 11 6.83 21.05 5.44
CA GLN A 11 5.83 20.69 6.46
C GLN A 11 5.06 19.44 6.03
N ILE A 12 4.82 19.32 4.72
CA ILE A 12 4.13 18.16 4.16
C ILE A 12 4.97 16.91 4.38
N ILE A 13 6.29 17.10 4.39
CA ILE A 13 7.22 16.00 4.59
C ILE A 13 7.25 15.56 6.06
N ASN A 14 7.29 16.51 6.99
CA ASN A 14 7.29 16.16 8.41
C ASN A 14 6.03 15.39 8.76
N SER A 15 4.93 15.76 8.11
CA SER A 15 3.64 15.13 8.36
C SER A 15 3.56 13.70 7.87
N LEU A 16 3.99 13.48 6.63
CA LEU A 16 3.97 12.14 6.05
C LEU A 16 4.93 11.20 6.77
N VAL A 17 6.16 11.67 7.02
CA VAL A 17 7.12 10.84 7.72
C VAL A 17 6.65 10.52 9.14
N GLU A 18 5.95 11.45 9.76
CA GLU A 18 5.46 11.19 11.09
C GLU A 18 4.28 10.22 10.99
N ALA A 19 3.42 10.45 10.00
CA ALA A 19 2.25 9.62 9.77
C ALA A 19 2.66 8.17 9.53
N HIS A 20 3.75 7.98 8.79
CA HIS A 20 4.24 6.64 8.51
C HIS A 20 4.76 5.96 9.77
N HIS A 21 5.62 6.65 10.53
CA HIS A 21 6.18 6.10 11.76
C HIS A 21 5.08 5.69 12.73
N LYS A 22 4.05 6.51 12.79
CA LYS A 22 2.90 6.27 13.67
C LYS A 22 2.05 5.08 13.21
N THR A 23 2.24 4.65 11.95
CA THR A 23 1.47 3.53 11.43
C THR A 23 2.27 2.36 10.83
N TYR A 24 3.56 2.30 11.16
CA TYR A 24 4.43 1.20 10.69
C TYR A 24 5.50 0.82 11.71
N ASP A 25 5.38 -0.38 12.25
CA ASP A 25 6.31 -0.90 13.25
C ASP A 25 7.37 -1.79 12.60
N ASP A 26 8.63 -1.37 12.70
CA ASP A 26 9.72 -2.14 12.09
C ASP A 26 10.08 -3.42 12.84
N SER A 27 9.32 -3.73 13.88
CA SER A 27 9.56 -4.95 14.65
C SER A 27 8.41 -5.98 14.45
N TYR A 28 7.34 -5.56 13.80
CA TYR A 28 6.19 -6.44 13.52
C TYR A 28 5.69 -7.21 14.74
N SER A 29 5.62 -6.53 15.87
CA SER A 29 5.20 -7.14 17.11
C SER A 29 3.73 -7.53 17.18
N ASP A 30 2.91 -6.93 16.32
CA ASP A 30 1.48 -7.23 16.33
C ASP A 30 1.14 -8.52 15.59
N PHE A 31 2.08 -9.02 14.81
CA PHE A 31 1.86 -10.23 14.02
C PHE A 31 1.49 -11.50 14.81
N VAL A 32 1.73 -11.51 16.11
CA VAL A 32 1.41 -12.68 16.92
C VAL A 32 -0.08 -12.71 17.24
N ARG A 33 -0.74 -11.57 17.05
CA ARG A 33 -2.16 -11.52 17.34
C ARG A 33 -2.99 -11.99 16.15
N PHE A 34 -2.32 -12.22 15.02
CA PHE A 34 -2.95 -12.73 13.79
C PHE A 34 -3.14 -14.23 13.96
N ARG A 35 -4.01 -14.82 13.16
CA ARG A 35 -4.20 -16.26 13.22
C ARG A 35 -2.85 -16.81 12.76
N PRO A 36 -2.32 -17.81 13.46
CA PRO A 36 -1.02 -18.38 13.10
C PRO A 36 -0.89 -18.82 11.65
N PRO A 37 0.31 -18.64 11.08
CA PRO A 37 0.53 -19.04 9.69
C PRO A 37 0.66 -20.57 9.68
N VAL A 38 0.31 -21.19 8.56
CA VAL A 38 0.41 -22.65 8.48
C VAL A 38 1.03 -23.05 7.16
N ARG A 39 2.11 -23.83 7.24
CA ARG A 39 2.80 -24.30 6.03
C ARG A 39 2.89 -25.83 6.07
N ARG A 100 -4.81 -26.88 1.29
CA ARG A 100 -5.53 -26.05 0.32
C ARG A 100 -5.76 -24.67 0.91
N LEU A 101 -4.79 -23.78 0.69
CA LEU A 101 -4.86 -22.39 1.19
C LEU A 101 -4.76 -22.32 2.71
N SER A 102 -3.70 -22.92 3.24
CA SER A 102 -3.48 -22.95 4.68
C SER A 102 -2.96 -21.62 5.21
N MET A 103 -2.27 -20.86 4.37
CA MET A 103 -1.73 -19.57 4.76
C MET A 103 -2.76 -18.45 4.70
N LEU A 104 -3.87 -18.71 4.02
CA LEU A 104 -4.94 -17.72 3.87
C LEU A 104 -5.39 -16.99 5.14
N PRO A 105 -5.64 -17.75 6.23
CA PRO A 105 -6.07 -17.11 7.49
C PRO A 105 -5.06 -16.11 8.05
N HIS A 106 -3.79 -16.48 8.05
CA HIS A 106 -2.76 -15.59 8.56
C HIS A 106 -2.56 -14.38 7.65
N LEU A 107 -2.46 -14.63 6.34
CA LEU A 107 -2.25 -13.53 5.41
C LEU A 107 -3.46 -12.60 5.32
N ALA A 108 -4.66 -13.14 5.55
CA ALA A 108 -5.85 -12.33 5.52
C ALA A 108 -5.72 -11.35 6.68
N ASP A 109 -5.31 -11.87 7.84
CA ASP A 109 -5.13 -11.04 9.02
C ASP A 109 -4.02 -10.02 8.85
N LEU A 110 -3.00 -10.37 8.06
CA LEU A 110 -1.88 -9.46 7.80
C LEU A 110 -2.39 -8.30 6.95
N VAL A 111 -3.06 -8.64 5.85
CA VAL A 111 -3.64 -7.68 4.93
C VAL A 111 -4.69 -6.78 5.60
N SER A 112 -5.55 -7.37 6.41
CA SER A 112 -6.60 -6.61 7.07
C SER A 112 -5.96 -5.61 8.01
N TYR A 113 -4.93 -6.08 8.69
CA TYR A 113 -4.17 -5.29 9.65
C TYR A 113 -3.54 -4.10 8.93
N SER A 114 -2.99 -4.37 7.76
CA SER A 114 -2.33 -3.36 6.94
C SER A 114 -3.27 -2.31 6.38
N ILE A 115 -4.50 -2.71 6.08
CA ILE A 115 -5.48 -1.77 5.54
C ILE A 115 -5.78 -0.76 6.63
N GLN A 116 -5.91 -1.23 7.86
CA GLN A 116 -6.19 -0.36 9.01
C GLN A 116 -5.08 0.66 9.15
N LYS A 117 -3.85 0.25 8.86
CA LYS A 117 -2.70 1.13 8.98
C LYS A 117 -2.68 2.11 7.82
N VAL A 118 -3.06 1.65 6.63
CA VAL A 118 -3.08 2.50 5.46
C VAL A 118 -4.12 3.61 5.66
N ILE A 119 -5.23 3.24 6.30
CA ILE A 119 -6.30 4.20 6.58
C ILE A 119 -5.79 5.26 7.55
N GLY A 120 -5.06 4.83 8.57
CA GLY A 120 -4.51 5.75 9.55
C GLY A 120 -3.55 6.71 8.87
N PHE A 121 -2.76 6.17 7.94
CA PHE A 121 -1.79 6.96 7.18
C PHE A 121 -2.52 7.95 6.27
N ALA A 122 -3.51 7.45 5.53
CA ALA A 122 -4.28 8.26 4.60
C ALA A 122 -4.90 9.46 5.30
N LYS A 123 -5.48 9.20 6.48
CA LYS A 123 -6.12 10.23 7.28
C LYS A 123 -5.15 11.32 7.68
N MET A 124 -3.85 11.09 7.47
CA MET A 124 -2.87 12.08 7.84
C MET A 124 -2.11 12.67 6.66
N ILE A 125 -2.53 12.30 5.46
CA ILE A 125 -1.93 12.86 4.27
C ILE A 125 -2.61 14.23 4.17
N PRO A 126 -1.83 15.30 3.97
CA PRO A 126 -2.41 16.65 3.87
C PRO A 126 -3.41 16.87 2.74
N GLY A 127 -4.65 17.17 3.12
CA GLY A 127 -5.71 17.40 2.13
C GLY A 127 -6.74 16.30 2.01
N PHE A 128 -6.32 15.08 2.34
CA PHE A 128 -7.17 13.90 2.28
C PHE A 128 -8.38 13.99 3.21
N ARG A 129 -8.15 14.49 4.41
CA ARG A 129 -9.21 14.61 5.41
C ARG A 129 -10.33 15.55 4.94
N ASP A 130 -10.04 16.36 3.93
CA ASP A 130 -11.02 17.30 3.43
C ASP A 130 -11.89 16.77 2.31
N LEU A 131 -11.44 15.72 1.65
CA LEU A 131 -12.22 15.14 0.57
C LEU A 131 -13.51 14.60 1.18
N THR A 132 -14.51 14.34 0.33
CA THR A 132 -15.77 13.79 0.81
C THR A 132 -15.51 12.36 1.29
N ALA A 133 -16.32 11.89 2.23
CA ALA A 133 -16.17 10.53 2.73
C ALA A 133 -16.16 9.53 1.59
N GLU A 134 -16.95 9.80 0.55
CA GLU A 134 -17.04 8.91 -0.59
C GLU A 134 -15.71 8.78 -1.34
N ASP A 135 -15.11 9.91 -1.69
CA ASP A 135 -13.84 9.90 -2.41
C ASP A 135 -12.72 9.25 -1.59
N GLN A 136 -12.73 9.49 -0.28
CA GLN A 136 -11.74 8.89 0.60
C GLN A 136 -11.86 7.37 0.46
N ILE A 137 -13.10 6.89 0.47
CA ILE A 137 -13.37 5.48 0.34
C ILE A 137 -12.99 4.97 -1.05
N ALA A 138 -13.28 5.76 -2.08
CA ALA A 138 -12.96 5.37 -3.45
C ALA A 138 -11.46 5.24 -3.64
N LEU A 139 -10.72 6.21 -3.13
CA LEU A 139 -9.27 6.21 -3.21
C LEU A 139 -8.71 5.07 -2.36
N LEU A 140 -9.31 4.85 -1.19
CA LEU A 140 -8.86 3.79 -0.31
C LEU A 140 -9.11 2.42 -0.95
N LYS A 141 -10.37 2.12 -1.26
CA LYS A 141 -10.70 0.84 -1.88
C LYS A 141 -9.80 0.51 -3.08
N SER A 142 -9.65 1.48 -3.97
CA SER A 142 -8.86 1.30 -5.18
C SER A 142 -7.33 1.20 -5.04
N SER A 143 -6.76 1.92 -4.08
CA SER A 143 -5.30 1.92 -3.91
C SER A 143 -4.76 1.10 -2.74
N ALA A 144 -5.65 0.67 -1.86
CA ALA A 144 -5.25 -0.10 -0.68
C ALA A 144 -4.18 -1.16 -0.97
N ILE A 145 -4.47 -2.07 -1.88
CA ILE A 145 -3.55 -3.15 -2.23
C ILE A 145 -2.20 -2.62 -2.76
N GLU A 146 -2.21 -1.47 -3.43
CA GLU A 146 -0.97 -0.92 -3.96
C GLU A 146 -0.14 -0.34 -2.83
N ILE A 147 -0.78 0.38 -1.91
CA ILE A 147 -0.07 0.95 -0.78
C ILE A 147 0.56 -0.17 0.04
N ILE A 148 -0.17 -1.26 0.20
CA ILE A 148 0.32 -2.42 0.95
C ILE A 148 1.61 -2.94 0.33
N MET A 149 1.58 -3.11 -0.98
CA MET A 149 2.73 -3.59 -1.73
C MET A 149 3.91 -2.65 -1.58
N LEU A 150 3.63 -1.35 -1.52
CA LEU A 150 4.68 -0.35 -1.38
C LEU A 150 5.35 -0.42 -0.02
N ARG A 151 4.56 -0.24 1.03
CA ARG A 151 5.05 -0.28 2.40
C ARG A 151 5.71 -1.62 2.74
N SER A 152 5.26 -2.68 2.08
CA SER A 152 5.79 -4.02 2.33
C SER A 152 7.27 -4.13 1.96
N ASN A 153 7.69 -3.28 1.03
CA ASN A 153 9.08 -3.28 0.58
C ASN A 153 10.02 -3.10 1.77
N GLN A 154 9.58 -2.28 2.72
CA GLN A 154 10.34 -1.99 3.93
C GLN A 154 10.70 -3.27 4.72
N SER A 155 10.02 -4.37 4.43
CA SER A 155 10.30 -5.63 5.11
C SER A 155 10.89 -6.65 4.15
N PHE A 156 10.89 -6.30 2.87
CA PHE A 156 11.42 -7.18 1.84
C PHE A 156 12.94 -7.23 1.92
N SER A 157 13.51 -8.38 1.60
CA SER A 157 14.96 -8.56 1.64
C SER A 157 15.48 -9.10 0.32
N LEU A 158 16.39 -8.37 -0.30
CA LEU A 158 16.95 -8.80 -1.57
C LEU A 158 17.78 -10.07 -1.36
N GLU A 159 18.29 -10.23 -0.14
CA GLU A 159 19.11 -11.39 0.20
C GLU A 159 18.31 -12.68 0.03
N ASP A 160 17.24 -12.82 0.80
CA ASP A 160 16.39 -14.02 0.76
C ASP A 160 15.15 -13.90 -0.12
N MET A 161 15.07 -12.83 -0.89
CA MET A 161 13.94 -12.59 -1.79
C MET A 161 12.60 -12.80 -1.10
N SER A 162 12.49 -12.28 0.12
CA SER A 162 11.26 -12.44 0.88
C SER A 162 10.99 -11.26 1.81
N TRP A 163 9.84 -11.31 2.45
CA TRP A 163 9.43 -10.28 3.39
C TRP A 163 9.74 -10.87 4.76
N SER A 164 10.82 -10.40 5.38
CA SER A 164 11.22 -10.91 6.68
C SER A 164 10.61 -10.08 7.80
N CYS A 165 9.68 -10.66 8.52
CA CYS A 165 9.01 -9.95 9.61
C CYS A 165 9.22 -10.58 10.98
N GLY A 166 10.22 -11.44 11.09
CA GLY A 166 10.51 -12.07 12.37
C GLY A 166 10.53 -13.58 12.34
N GLY A 167 11.56 -14.16 12.95
CA GLY A 167 11.70 -15.60 12.99
C GLY A 167 11.37 -16.27 11.67
N PRO A 168 11.24 -17.61 11.66
CA PRO A 168 10.91 -18.34 10.44
C PRO A 168 9.41 -18.24 10.14
N ASP A 169 8.64 -18.00 11.21
CA ASP A 169 7.19 -17.87 11.13
C ASP A 169 6.75 -16.75 10.20
N PHE A 170 7.15 -15.53 10.56
CA PHE A 170 6.79 -14.33 9.81
C PHE A 170 7.73 -13.94 8.68
N LYS A 171 8.33 -14.95 8.06
CA LYS A 171 9.23 -14.77 6.93
C LYS A 171 8.36 -15.23 5.76
N TYR A 172 7.95 -14.31 4.91
CA TYR A 172 7.07 -14.69 3.80
C TYR A 172 7.71 -14.86 2.44
N CYS A 173 7.53 -16.05 1.87
CA CYS A 173 8.06 -16.41 0.55
C CYS A 173 6.91 -16.50 -0.43
N ILE A 174 7.22 -16.54 -1.72
CA ILE A 174 6.18 -16.65 -2.75
C ILE A 174 5.31 -17.88 -2.49
N ASN A 175 5.96 -19.01 -2.25
CA ASN A 175 5.25 -20.25 -1.99
C ASN A 175 4.17 -20.01 -0.94
N ASP A 176 4.43 -19.10 -0.01
CA ASP A 176 3.51 -18.78 1.06
C ASP A 176 2.22 -18.11 0.56
N VAL A 177 2.37 -17.14 -0.33
CA VAL A 177 1.23 -16.41 -0.87
C VAL A 177 0.43 -17.33 -1.79
N THR A 178 1.10 -18.39 -2.26
CA THR A 178 0.48 -19.38 -3.13
C THR A 178 -0.54 -20.16 -2.30
N LYS A 179 -0.23 -20.35 -1.02
CA LYS A 179 -1.10 -21.08 -0.11
C LYS A 179 -2.14 -20.16 0.50
N ALA A 180 -2.27 -18.97 -0.06
CA ALA A 180 -3.27 -18.00 0.40
C ALA A 180 -4.22 -17.77 -0.77
N GLY A 181 -4.01 -18.55 -1.83
CA GLY A 181 -4.87 -18.43 -3.00
C GLY A 181 -4.35 -17.64 -4.19
N HIS A 182 -3.07 -17.24 -4.17
CA HIS A 182 -2.55 -16.49 -5.30
C HIS A 182 -1.53 -17.27 -6.13
N THR A 183 -1.45 -16.90 -7.41
CA THR A 183 -0.57 -17.56 -8.36
C THR A 183 0.63 -16.73 -8.78
N LEU A 184 1.62 -17.39 -9.37
CA LEU A 184 2.84 -16.74 -9.84
C LEU A 184 2.53 -15.59 -10.78
N GLU A 185 1.41 -15.69 -11.48
CA GLU A 185 0.97 -14.66 -12.41
C GLU A 185 1.03 -13.30 -11.70
N LEU A 186 0.70 -13.31 -10.42
CA LEU A 186 0.72 -12.11 -9.59
C LEU A 186 2.04 -12.02 -8.84
N LEU A 187 2.34 -13.10 -8.11
CA LEU A 187 3.54 -13.21 -7.29
C LEU A 187 4.87 -12.99 -8.00
N GLU A 188 4.92 -13.29 -9.30
CA GLU A 188 6.14 -13.08 -10.05
C GLU A 188 6.47 -11.59 -10.14
N PRO A 189 5.58 -10.80 -10.77
CA PRO A 189 5.85 -9.36 -10.88
C PRO A 189 5.95 -8.65 -9.52
N LEU A 190 5.24 -9.19 -8.54
CA LEU A 190 5.27 -8.60 -7.20
C LEU A 190 6.71 -8.54 -6.73
N VAL A 191 7.38 -9.70 -6.72
CA VAL A 191 8.76 -9.81 -6.30
C VAL A 191 9.66 -9.01 -7.21
N LYS A 192 9.40 -9.10 -8.52
CA LYS A 192 10.19 -8.37 -9.49
C LYS A 192 10.11 -6.88 -9.13
N PHE A 193 8.88 -6.43 -8.84
CA PHE A 193 8.62 -5.05 -8.45
C PHE A 193 9.32 -4.72 -7.12
N GLN A 194 9.21 -5.63 -6.14
CA GLN A 194 9.84 -5.43 -4.85
C GLN A 194 11.33 -5.19 -5.01
N VAL A 195 11.96 -6.04 -5.81
CA VAL A 195 13.39 -5.97 -6.10
C VAL A 195 13.76 -4.63 -6.74
N GLY A 196 13.08 -4.28 -7.82
CA GLY A 196 13.36 -3.02 -8.49
C GLY A 196 13.20 -1.83 -7.58
N LEU A 197 12.16 -1.86 -6.74
CA LEU A 197 11.89 -0.78 -5.81
C LEU A 197 12.96 -0.70 -4.72
N LYS A 198 13.41 -1.87 -4.26
CA LYS A 198 14.45 -1.94 -3.24
C LYS A 198 15.71 -1.26 -3.78
N LYS A 199 16.08 -1.66 -5.00
CA LYS A 199 17.26 -1.14 -5.67
C LYS A 199 17.30 0.37 -5.76
N LEU A 200 16.14 1.01 -5.65
CA LEU A 200 16.10 2.47 -5.72
C LEU A 200 16.65 3.13 -4.44
N LYS A 201 16.91 2.32 -3.42
CA LYS A 201 17.43 2.81 -2.14
C LYS A 201 16.84 4.15 -1.75
N LEU A 202 15.52 4.26 -1.84
CA LEU A 202 14.79 5.47 -1.51
C LEU A 202 14.95 5.98 -0.08
N HIS A 203 14.87 7.30 0.07
CA HIS A 203 14.93 7.90 1.39
C HIS A 203 13.55 7.62 1.95
N GLU A 204 13.39 7.74 3.25
CA GLU A 204 12.11 7.51 3.90
C GLU A 204 11.14 8.60 3.42
N GLU A 205 11.68 9.79 3.16
CA GLU A 205 10.87 10.92 2.69
C GLU A 205 10.29 10.68 1.31
N GLU A 206 11.06 10.02 0.45
CA GLU A 206 10.61 9.73 -0.89
C GLU A 206 9.67 8.52 -0.89
N HIS A 207 9.92 7.57 0.00
CA HIS A 207 9.12 6.36 0.11
C HIS A 207 7.75 6.69 0.66
N VAL A 208 7.73 7.59 1.63
CA VAL A 208 6.48 7.99 2.25
C VAL A 208 5.71 8.91 1.30
N LEU A 209 6.44 9.64 0.46
CA LEU A 209 5.83 10.54 -0.51
C LEU A 209 5.25 9.77 -1.68
N LEU A 210 5.91 8.68 -2.04
CA LEU A 210 5.45 7.85 -3.13
C LEU A 210 4.13 7.19 -2.76
N MET A 211 3.98 6.85 -1.48
CA MET A 211 2.76 6.21 -1.00
C MET A 211 1.61 7.22 -0.94
N ALA A 212 1.92 8.45 -0.53
CA ALA A 212 0.89 9.48 -0.45
C ALA A 212 0.44 9.85 -1.85
N ILE A 213 1.39 9.83 -2.77
CA ILE A 213 1.11 10.16 -4.16
C ILE A 213 0.23 9.10 -4.80
N CYS A 214 0.58 7.83 -4.58
CA CYS A 214 -0.15 6.69 -5.12
C CYS A 214 -1.60 6.67 -4.64
N LEU A 215 -1.80 7.02 -3.38
CA LEU A 215 -3.12 7.03 -2.76
C LEU A 215 -4.02 8.16 -3.30
N LEU A 216 -3.40 9.25 -3.76
CA LEU A 216 -4.17 10.36 -4.29
C LEU A 216 -4.21 10.34 -5.81
N SER A 217 -4.21 9.15 -6.39
CA SER A 217 -4.28 9.01 -7.82
C SER A 217 -5.71 9.37 -8.18
N PRO A 218 -5.90 10.40 -9.02
CA PRO A 218 -7.24 10.86 -9.42
C PRO A 218 -8.00 9.87 -10.31
N ASP A 219 -7.26 9.01 -11.00
CA ASP A 219 -7.86 8.03 -11.90
C ASP A 219 -8.19 6.69 -11.26
N ARG A 220 -9.16 6.70 -10.34
CA ARG A 220 -9.57 5.49 -9.66
C ARG A 220 -11.06 5.31 -9.86
N PRO A 221 -11.50 4.09 -10.23
CA PRO A 221 -12.94 3.94 -10.41
C PRO A 221 -13.68 4.36 -9.16
N GLY A 222 -14.74 5.14 -9.34
CA GLY A 222 -15.55 5.57 -8.21
C GLY A 222 -15.26 6.96 -7.69
N VAL A 223 -14.16 7.58 -8.09
CA VAL A 223 -13.84 8.92 -7.61
C VAL A 223 -14.77 9.97 -8.20
N GLN A 224 -15.29 10.85 -7.35
CA GLN A 224 -16.20 11.91 -7.79
C GLN A 224 -15.42 13.18 -8.10
N ASP A 225 -15.03 13.91 -7.05
CA ASP A 225 -14.28 15.15 -7.22
C ASP A 225 -12.86 14.83 -7.65
N HIS A 226 -12.71 14.26 -8.84
CA HIS A 226 -11.41 13.88 -9.34
C HIS A 226 -10.51 15.06 -9.68
N VAL A 227 -11.06 16.27 -9.62
CA VAL A 227 -10.26 17.46 -9.92
C VAL A 227 -9.44 17.90 -8.71
N ARG A 228 -10.03 17.91 -7.52
CA ARG A 228 -9.27 18.30 -6.33
C ARG A 228 -8.21 17.26 -6.05
N ILE A 229 -8.58 15.99 -6.16
CA ILE A 229 -7.68 14.88 -5.93
C ILE A 229 -6.44 15.08 -6.80
N GLU A 230 -6.69 15.32 -8.08
CA GLU A 230 -5.64 15.55 -9.06
C GLU A 230 -4.70 16.69 -8.60
N ALA A 231 -5.25 17.68 -7.91
CA ALA A 231 -4.46 18.81 -7.44
C ALA A 231 -3.56 18.45 -6.27
N LEU A 232 -4.15 17.78 -5.27
CA LEU A 232 -3.42 17.35 -4.08
C LEU A 232 -2.29 16.45 -4.51
N GLN A 233 -2.55 15.60 -5.49
CA GLN A 233 -1.52 14.68 -5.96
C GLN A 233 -0.37 15.45 -6.58
N ASP A 234 -0.69 16.44 -7.41
CA ASP A 234 0.34 17.25 -8.06
C ASP A 234 1.20 17.97 -7.03
N ARG A 235 0.56 18.56 -6.03
CA ARG A 235 1.27 19.27 -4.96
C ARG A 235 2.33 18.35 -4.37
N LEU A 236 1.93 17.11 -4.09
CA LEU A 236 2.82 16.10 -3.54
C LEU A 236 3.89 15.74 -4.56
N CYS A 237 3.46 15.52 -5.80
CA CYS A 237 4.39 15.19 -6.88
C CYS A 237 5.47 16.28 -6.99
N ASP A 238 5.13 17.48 -6.54
CA ASP A 238 6.04 18.61 -6.59
C ASP A 238 7.07 18.53 -5.48
N VAL A 239 6.60 18.20 -4.28
CA VAL A 239 7.49 18.08 -3.15
C VAL A 239 8.49 16.96 -3.42
N LEU A 240 8.01 15.86 -3.96
CA LEU A 240 8.87 14.73 -4.26
C LEU A 240 9.96 15.11 -5.26
N GLN A 241 9.59 15.93 -6.23
CA GLN A 241 10.54 16.35 -7.25
C GLN A 241 11.59 17.28 -6.65
N ALA A 242 11.12 18.30 -5.96
CA ALA A 242 12.02 19.26 -5.33
C ALA A 242 12.98 18.52 -4.40
N TYR A 243 12.42 17.69 -3.54
CA TYR A 243 13.21 16.92 -2.59
C TYR A 243 14.33 16.14 -3.26
N ILE A 244 13.98 15.31 -4.24
CA ILE A 244 14.97 14.51 -4.94
C ILE A 244 16.11 15.37 -5.49
N ARG A 245 15.77 16.47 -6.13
CA ARG A 245 16.76 17.37 -6.72
C ARG A 245 17.69 17.96 -5.67
N ILE A 246 17.08 18.53 -4.62
CA ILE A 246 17.79 19.18 -3.54
C ILE A 246 18.50 18.27 -2.55
N GLN A 247 17.84 17.18 -2.14
CA GLN A 247 18.40 16.28 -1.14
C GLN A 247 18.94 14.94 -1.64
N HIS A 248 18.67 14.58 -2.89
CA HIS A 248 19.11 13.29 -3.38
C HIS A 248 20.07 13.34 -4.57
N PRO A 249 21.33 12.93 -4.35
CA PRO A 249 22.41 12.89 -5.34
C PRO A 249 22.22 11.76 -6.35
N GLY A 250 22.60 12.01 -7.60
CA GLY A 250 22.45 11.00 -8.62
C GLY A 250 20.98 10.72 -8.84
N GLY A 251 20.15 11.49 -8.16
CA GLY A 251 18.70 11.33 -8.27
C GLY A 251 18.14 12.05 -9.47
N ARG A 252 18.98 12.31 -10.45
CA ARG A 252 18.56 13.00 -11.67
C ARG A 252 17.43 12.26 -12.39
N LEU A 253 17.51 10.93 -12.43
CA LEU A 253 16.51 10.12 -13.12
C LEU A 253 15.64 9.29 -12.16
N LEU A 254 15.73 9.58 -10.86
CA LEU A 254 14.97 8.86 -9.85
C LEU A 254 13.46 9.13 -9.93
N TYR A 255 13.10 10.40 -10.13
CA TYR A 255 11.69 10.79 -10.22
C TYR A 255 10.95 9.92 -11.24
N ALA A 256 11.49 9.86 -12.46
CA ALA A 256 10.89 9.07 -13.52
C ALA A 256 10.75 7.61 -13.11
N LYS A 257 11.75 7.09 -12.40
CA LYS A 257 11.73 5.71 -11.95
C LYS A 257 10.62 5.52 -10.92
N MET A 258 10.41 6.55 -10.09
CA MET A 258 9.37 6.49 -9.06
C MET A 258 7.97 6.55 -9.67
N ILE A 259 7.78 7.44 -10.64
CA ILE A 259 6.47 7.54 -11.29
C ILE A 259 6.23 6.26 -12.09
N GLN A 260 7.29 5.69 -12.63
CA GLN A 260 7.18 4.44 -13.38
C GLN A 260 6.63 3.35 -12.46
N LYS A 261 7.13 3.31 -11.23
CA LYS A 261 6.69 2.32 -10.25
C LYS A 261 5.19 2.34 -10.04
N LEU A 262 4.59 3.52 -10.12
CA LEU A 262 3.15 3.65 -9.94
C LEU A 262 2.40 2.85 -11.01
N ALA A 263 2.96 2.81 -12.21
CA ALA A 263 2.34 2.09 -13.31
C ALA A 263 2.40 0.57 -13.08
N ASP A 264 3.54 0.07 -12.59
CA ASP A 264 3.69 -1.36 -12.32
C ASP A 264 2.68 -1.78 -11.26
N LEU A 265 2.32 -0.83 -10.40
CA LEU A 265 1.37 -1.09 -9.34
C LEU A 265 -0.04 -1.31 -9.89
N ARG A 266 -0.37 -0.61 -10.97
CA ARG A 266 -1.69 -0.77 -11.55
C ARG A 266 -1.85 -2.19 -12.09
N SER A 267 -0.80 -2.72 -12.71
CA SER A 267 -0.84 -4.08 -13.25
C SER A 267 -0.96 -5.09 -12.13
N LEU A 268 -0.15 -4.90 -11.09
CA LEU A 268 -0.19 -5.79 -9.94
C LEU A 268 -1.56 -5.69 -9.29
N ASN A 269 -2.07 -4.47 -9.20
CA ASN A 269 -3.39 -4.20 -8.62
C ASN A 269 -4.45 -4.97 -9.41
N GLU A 270 -4.41 -4.81 -10.73
CA GLU A 270 -5.36 -5.46 -11.63
C GLU A 270 -5.33 -6.98 -11.52
N GLU A 271 -4.12 -7.54 -11.53
CA GLU A 271 -3.97 -8.98 -11.43
C GLU A 271 -4.54 -9.45 -10.09
N HIS A 272 -4.20 -8.75 -9.03
CA HIS A 272 -4.71 -9.09 -7.71
C HIS A 272 -6.24 -9.04 -7.71
N SER A 273 -6.80 -7.99 -8.29
CA SER A 273 -8.25 -7.84 -8.36
C SER A 273 -8.89 -9.09 -8.95
N LYS A 274 -8.33 -9.60 -10.04
CA LYS A 274 -8.87 -10.79 -10.68
C LYS A 274 -8.76 -11.98 -9.74
N GLN A 275 -7.53 -12.31 -9.36
CA GLN A 275 -7.30 -13.43 -8.45
C GLN A 275 -8.13 -13.34 -7.18
N TYR A 276 -8.29 -12.14 -6.63
CA TYR A 276 -9.08 -11.95 -5.42
C TYR A 276 -10.57 -12.22 -5.68
N ARG A 277 -11.04 -11.78 -6.84
CA ARG A 277 -12.45 -11.96 -7.23
C ARG A 277 -12.82 -13.43 -7.18
N SER A 278 -12.00 -14.27 -7.81
CA SER A 278 -12.21 -15.71 -7.86
C SER A 278 -12.29 -16.28 -6.46
N LEU A 279 -11.29 -15.92 -5.66
CA LEU A 279 -11.20 -16.35 -4.28
C LEU A 279 -12.46 -15.98 -3.52
N SER A 280 -12.82 -14.69 -3.57
CA SER A 280 -14.01 -14.19 -2.86
C SER A 280 -15.32 -14.86 -3.27
N PHE A 281 -15.39 -15.38 -4.50
CA PHE A 281 -16.61 -16.03 -4.96
C PHE A 281 -16.80 -17.39 -4.34
N GLN A 282 -15.70 -18.01 -3.91
CA GLN A 282 -15.79 -19.31 -3.26
C GLN A 282 -15.97 -19.12 -1.76
N PRO A 283 -17.20 -19.30 -1.27
CA PRO A 283 -17.54 -19.16 0.15
C PRO A 283 -16.67 -19.91 1.16
N GLU A 284 -16.14 -21.06 0.76
CA GLU A 284 -15.30 -21.83 1.66
C GLU A 284 -14.01 -21.05 1.90
N HIS A 285 -13.70 -20.14 0.99
CA HIS A 285 -12.50 -19.32 1.09
C HIS A 285 -12.78 -17.91 1.64
N SER A 286 -13.79 -17.25 1.09
CA SER A 286 -14.13 -15.92 1.58
C SER A 286 -14.41 -15.94 3.08
N MET A 287 -14.85 -17.09 3.59
CA MET A 287 -15.16 -17.21 5.01
C MET A 287 -13.91 -17.10 5.88
N GLN A 288 -12.73 -17.20 5.25
CA GLN A 288 -11.45 -17.10 5.94
C GLN A 288 -10.98 -15.65 5.99
N LEU A 289 -11.54 -14.83 5.11
CA LEU A 289 -11.21 -13.41 5.04
C LEU A 289 -11.80 -12.67 6.23
N THR A 290 -11.49 -11.38 6.34
CA THR A 290 -12.01 -10.56 7.43
C THR A 290 -13.01 -9.57 6.87
N PRO A 291 -13.97 -9.15 7.70
CA PRO A 291 -14.99 -8.18 7.26
C PRO A 291 -14.38 -7.00 6.51
N LEU A 292 -13.31 -6.43 7.06
CA LEU A 292 -12.65 -5.29 6.43
C LEU A 292 -12.10 -5.60 5.03
N VAL A 293 -11.49 -6.77 4.86
CA VAL A 293 -10.94 -7.18 3.57
C VAL A 293 -12.08 -7.36 2.57
N LEU A 294 -13.16 -7.99 3.02
CA LEU A 294 -14.32 -8.20 2.18
C LEU A 294 -14.91 -6.87 1.76
N GLU A 295 -14.84 -5.89 2.64
CA GLU A 295 -15.40 -4.56 2.37
C GLU A 295 -14.52 -3.73 1.44
N VAL A 296 -13.22 -3.66 1.74
CA VAL A 296 -12.29 -2.88 0.94
C VAL A 296 -12.06 -3.44 -0.47
N PHE A 297 -12.07 -4.76 -0.59
CA PHE A 297 -11.84 -5.39 -1.87
C PHE A 297 -13.13 -5.85 -2.53
N GLY A 298 -14.22 -5.78 -1.78
CA GLY A 298 -15.52 -6.18 -2.30
C GLY A 298 -16.02 -5.25 -3.40
N SER A 299 -17.04 -5.69 -4.12
CA SER A 299 -17.59 -4.90 -5.23
C SER A 299 -18.84 -4.07 -4.90
N GLU A 300 -19.25 -4.04 -3.62
CA GLU A 300 -20.41 -3.26 -3.22
C GLU A 300 -20.20 -1.79 -3.62
N VAL A 301 -21.24 -1.15 -4.14
CA VAL A 301 -21.17 0.25 -4.60
C VAL A 301 -21.50 1.30 -3.53
N ARG B 1 -22.13 -0.74 1.23
CA ARG B 1 -22.20 -0.50 2.70
C ARG B 1 -21.07 0.43 3.10
N HIS B 2 -19.92 -0.17 3.34
CA HIS B 2 -18.72 0.54 3.74
C HIS B 2 -18.86 1.12 5.14
N LYS B 3 -19.62 0.42 5.98
CA LYS B 3 -19.83 0.83 7.37
C LYS B 3 -18.54 0.85 8.15
N ILE B 4 -17.70 -0.17 7.93
CA ILE B 4 -16.42 -0.25 8.62
C ILE B 4 -15.49 0.88 8.16
N LEU B 5 -15.30 1.01 6.85
CA LEU B 5 -14.45 2.08 6.33
C LEU B 5 -14.90 3.45 6.84
N HIS B 6 -16.20 3.71 6.78
CA HIS B 6 -16.73 4.99 7.26
C HIS B 6 -16.25 5.23 8.68
N ARG B 7 -16.46 4.24 9.54
CA ARG B 7 -16.07 4.34 10.93
C ARG B 7 -14.58 4.56 11.14
N LEU B 8 -13.75 3.78 10.47
CA LEU B 8 -12.31 3.90 10.61
C LEU B 8 -11.82 5.29 10.21
N LEU B 9 -12.54 5.93 9.30
CA LEU B 9 -12.17 7.28 8.87
C LEU B 9 -12.76 8.27 9.88
N GLN B 10 -13.06 7.76 11.06
CA GLN B 10 -13.66 8.53 12.16
C GLN B 10 -15.06 8.93 11.78
#